data_3RQ8
#
_entry.id   3RQ8
#
_cell.length_a   91.904
_cell.length_b   91.904
_cell.length_c   169.493
_cell.angle_alpha   90.000
_cell.angle_beta   90.000
_cell.angle_gamma   90.000
#
_symmetry.space_group_name_H-M   'I 4 2 2'
#
loop_
_entity.id
_entity.type
_entity.pdbx_description
1 polymer 'ADP/ATP-dependent NAD(P)H-hydrate dehydratase'
2 non-polymer 'MAGNESIUM ION'
3 non-polymer "BIS(ADENOSINE)-5'-PENTAPHOSPHATE"
4 water water
#
_entity_poly.entity_id   1
_entity_poly.type   'polypeptide(L)'
_entity_poly.pdbx_seq_one_letter_code
;SNAMNVPFWTEEHVRATLPERDAESHKGTYGTALLLAGSDDMPGAALLAGLGAMRSGLGKLVIGTSENVIPLIVPVLPEA
TYWRDGWKKAADAQLEETYRAIAIGPGLPQTESVQQAVDHVLTADCPVILDAGALAKRTYPKREGPVILTPHPGEFFRMT
GVPVNELQKKRAEYAKEWAAQLQTVIVLKGNQTVIAFPDGDCWLNPTGNGALAKGGTGDTLTGMILGMLCCHEDPKHAVL
NAVYLHGACAELWTDEHSAHTLLAHELSDILPRVWKRFE
;
_entity_poly.pdbx_strand_id   A
#
# COMPACT_ATOMS: atom_id res chain seq x y z
N ALA A 3 -21.61 -1.91 -12.91
CA ALA A 3 -22.53 -3.00 -13.37
C ALA A 3 -23.09 -3.80 -12.17
N MET A 4 -22.25 -4.03 -11.16
CA MET A 4 -22.70 -4.60 -9.87
C MET A 4 -23.15 -3.51 -8.91
N ASN A 5 -23.19 -2.27 -9.38
CA ASN A 5 -23.49 -1.15 -8.50
C ASN A 5 -22.64 -1.15 -7.22
N VAL A 6 -21.34 -1.14 -7.41
CA VAL A 6 -20.44 -1.04 -6.31
C VAL A 6 -20.45 0.41 -5.83
N PRO A 7 -20.62 0.65 -4.53
CA PRO A 7 -20.72 2.02 -4.03
C PRO A 7 -19.35 2.74 -4.00
N PHE A 8 -19.34 4.07 -4.11
CA PHE A 8 -18.08 4.82 -3.93
C PHE A 8 -17.78 5.04 -2.44
N TRP A 9 -16.52 4.90 -2.03
CA TRP A 9 -16.09 5.34 -0.72
C TRP A 9 -16.00 6.85 -0.79
N THR A 10 -16.93 7.55 -0.15
CA THR A 10 -17.05 8.99 -0.36
C THR A 10 -16.39 9.82 0.74
N GLU A 11 -16.28 11.12 0.47
CA GLU A 11 -15.81 12.10 1.44
C GLU A 11 -16.43 11.89 2.83
N GLU A 12 -17.73 11.63 2.86
CA GLU A 12 -18.46 11.46 4.11
C GLU A 12 -17.96 10.21 4.85
N HIS A 13 -17.69 9.15 4.12
CA HIS A 13 -17.07 7.94 4.71
C HIS A 13 -15.66 8.19 5.27
N VAL A 14 -14.86 8.94 4.52
CA VAL A 14 -13.51 9.28 4.92
C VAL A 14 -13.57 10.10 6.22
N ARG A 15 -14.46 11.11 6.24
CA ARG A 15 -14.56 11.96 7.39
C ARG A 15 -14.96 11.21 8.63
N ALA A 16 -15.90 10.28 8.48
CA ALA A 16 -16.43 9.52 9.59
C ALA A 16 -15.43 8.51 10.15
N THR A 17 -14.40 8.15 9.39
CA THR A 17 -13.53 7.04 9.78
C THR A 17 -12.06 7.40 10.00
N LEU A 18 -11.63 8.60 9.62
CA LEU A 18 -10.22 8.97 9.88
C LEU A 18 -9.99 9.11 11.39
N PRO A 19 -8.86 8.58 11.87
CA PRO A 19 -8.62 8.56 13.31
C PRO A 19 -8.17 9.91 13.88
N GLU A 20 -8.29 10.06 15.19
CA GLU A 20 -7.74 11.19 15.89
C GLU A 20 -6.32 10.89 16.28
N ARG A 21 -5.57 11.94 16.59
CA ARG A 21 -4.25 11.76 17.19
C ARG A 21 -4.23 12.47 18.51
N ASP A 22 -4.57 11.75 19.56
CA ASP A 22 -4.89 12.35 20.84
C ASP A 22 -3.67 12.95 21.51
N ALA A 23 -3.90 14.01 22.27
CA ALA A 23 -2.90 14.65 23.14
C ALA A 23 -2.12 13.67 24.00
N GLU A 24 -2.80 12.67 24.55
CA GLU A 24 -2.18 11.75 25.51
C GLU A 24 -1.42 10.59 24.83
N SER A 25 -1.33 10.57 23.51
CA SER A 25 -0.68 9.45 22.81
C SER A 25 0.85 9.59 22.70
N HIS A 26 1.50 8.48 22.38
CA HIS A 26 2.93 8.44 22.13
C HIS A 26 3.18 7.61 20.88
N LYS A 27 4.42 7.59 20.39
CA LYS A 27 4.65 6.91 19.12
C LYS A 27 4.20 5.42 19.17
N GLY A 28 4.35 4.79 20.34
CA GLY A 28 3.91 3.40 20.54
C GLY A 28 2.42 3.16 20.31
N THR A 29 1.59 4.17 20.57
CA THR A 29 0.19 4.13 20.27
C THR A 29 -0.04 3.87 18.77
N TYR A 30 0.83 4.39 17.92
CA TYR A 30 0.63 4.31 16.44
C TYR A 30 1.49 3.24 15.77
N GLY A 31 2.22 2.47 16.55
CA GLY A 31 2.89 1.27 16.09
C GLY A 31 4.14 1.48 15.24
N THR A 32 4.84 0.37 15.05
CA THR A 32 5.99 0.24 14.19
C THR A 32 5.61 -0.55 12.92
N ALA A 33 5.85 0.05 11.78
CA ALA A 33 5.62 -0.62 10.50
C ALA A 33 6.91 -1.15 9.98
N LEU A 34 6.83 -2.23 9.20
CA LEU A 34 7.98 -2.76 8.51
C LEU A 34 7.74 -2.65 7.02
N LEU A 35 8.70 -2.07 6.32
CA LEU A 35 8.64 -1.96 4.85
C LEU A 35 9.78 -2.74 4.22
N LEU A 36 9.43 -3.77 3.47
CA LEU A 36 10.40 -4.63 2.77
C LEU A 36 10.36 -4.26 1.30
N ALA A 37 11.28 -3.38 0.93
CA ALA A 37 11.22 -2.72 -0.37
C ALA A 37 12.58 -2.19 -0.76
N GLY A 38 12.78 -2.00 -2.07
CA GLY A 38 13.97 -1.38 -2.63
C GLY A 38 15.11 -2.39 -2.79
N SER A 39 15.67 -2.47 -3.97
CA SER A 39 16.79 -3.34 -4.33
C SER A 39 17.78 -2.47 -5.09
N ASP A 40 19.01 -2.97 -5.29
CA ASP A 40 20.05 -2.17 -5.90
C ASP A 40 19.62 -1.74 -7.26
N ASP A 41 18.87 -2.59 -7.95
CA ASP A 41 18.45 -2.26 -9.31
C ASP A 41 17.21 -1.35 -9.33
N MET A 42 16.42 -1.38 -8.26
CA MET A 42 15.19 -0.58 -8.19
C MET A 42 15.09 0.12 -6.83
N PRO A 43 15.96 1.12 -6.58
CA PRO A 43 16.10 1.67 -5.26
C PRO A 43 14.97 2.67 -4.89
N GLY A 44 14.46 3.36 -5.89
CA GLY A 44 13.55 4.48 -5.69
C GLY A 44 12.28 4.12 -4.97
N ALA A 45 11.77 2.93 -5.28
CA ALA A 45 10.55 2.42 -4.66
C ALA A 45 10.58 2.47 -3.11
N ALA A 46 11.73 2.20 -2.51
CA ALA A 46 11.86 2.24 -1.04
C ALA A 46 11.68 3.66 -0.50
N LEU A 47 12.26 4.67 -1.20
CA LEU A 47 12.07 6.01 -0.75
C LEU A 47 10.60 6.48 -0.93
N LEU A 48 9.99 6.10 -2.07
CA LEU A 48 8.60 6.50 -2.34
C LEU A 48 7.68 5.87 -1.31
N ALA A 49 7.82 4.58 -1.07
CA ALA A 49 6.96 3.88 -0.10
C ALA A 49 7.29 4.33 1.34
N GLY A 50 8.57 4.59 1.65
CA GLY A 50 8.94 5.03 3.04
C GLY A 50 8.31 6.36 3.38
N LEU A 51 8.45 7.30 2.46
CA LEU A 51 7.83 8.62 2.63
C LEU A 51 6.31 8.50 2.77
N GLY A 52 5.69 7.74 1.86
CA GLY A 52 4.22 7.50 1.96
C GLY A 52 3.83 6.99 3.35
N ALA A 53 4.57 6.00 3.85
CA ALA A 53 4.30 5.37 5.16
C ALA A 53 4.50 6.38 6.33
N MET A 54 5.63 7.11 6.36
CA MET A 54 5.90 7.98 7.53
C MET A 54 4.95 9.18 7.53
N ARG A 55 4.48 9.58 6.34
CA ARG A 55 3.46 10.62 6.21
C ARG A 55 2.12 10.18 6.71
N SER A 56 1.91 8.87 6.83
CA SER A 56 0.54 8.39 7.02
C SER A 56 0.16 7.89 8.41
N GLY A 57 0.73 8.48 9.46
CA GLY A 57 0.26 8.26 10.81
C GLY A 57 0.78 7.11 11.63
N LEU A 58 1.81 6.42 11.14
CA LEU A 58 2.48 5.46 11.97
C LEU A 58 3.27 6.14 13.12
N GLY A 59 3.81 5.33 14.01
CA GLY A 59 4.68 5.81 15.07
C GLY A 59 6.14 5.67 14.71
N LYS A 60 6.50 4.51 14.18
CA LYS A 60 7.86 4.28 13.73
C LYS A 60 7.84 3.46 12.42
N LEU A 61 8.90 3.60 11.62
CA LEU A 61 9.10 2.80 10.42
C LEU A 61 10.52 2.17 10.40
N VAL A 62 10.54 0.87 10.18
CA VAL A 62 11.74 0.11 9.89
C VAL A 62 11.69 -0.26 8.42
N ILE A 63 12.72 0.16 7.68
CA ILE A 63 12.82 -0.13 6.24
C ILE A 63 13.85 -1.25 6.04
N GLY A 64 13.37 -2.43 5.64
CA GLY A 64 14.26 -3.58 5.33
C GLY A 64 14.68 -3.55 3.88
N THR A 65 15.59 -2.66 3.54
CA THR A 65 15.99 -2.49 2.15
C THR A 65 17.36 -3.02 1.95
N SER A 66 17.77 -3.08 0.69
CA SER A 66 19.14 -3.53 0.37
C SER A 66 20.12 -2.52 0.92
N GLU A 67 21.29 -3.02 1.35
CA GLU A 67 22.28 -2.22 2.03
C GLU A 67 22.66 -0.93 1.32
N ASN A 68 22.87 -1.01 0.00
CA ASN A 68 23.27 0.16 -0.79
C ASN A 68 22.17 1.18 -1.04
N VAL A 69 20.95 0.82 -0.71
CA VAL A 69 19.81 1.73 -0.86
C VAL A 69 19.62 2.62 0.37
N ILE A 70 20.03 2.12 1.53
CA ILE A 70 19.91 2.87 2.78
C ILE A 70 20.47 4.30 2.66
N PRO A 71 21.69 4.46 2.19
CA PRO A 71 22.16 5.89 2.13
C PRO A 71 21.43 6.80 1.18
N LEU A 72 20.60 6.23 0.29
CA LEU A 72 19.83 7.04 -0.61
C LEU A 72 18.56 7.53 0.04
N ILE A 73 18.12 6.87 1.12
CA ILE A 73 16.87 7.26 1.78
C ILE A 73 17.13 8.28 2.89
N VAL A 74 18.22 8.06 3.61
CA VAL A 74 18.51 8.84 4.85
C VAL A 74 18.39 10.38 4.73
N PRO A 75 18.97 11.00 3.68
CA PRO A 75 18.94 12.48 3.57
C PRO A 75 17.56 13.02 3.34
N VAL A 76 16.69 12.19 2.77
CA VAL A 76 15.33 12.61 2.45
C VAL A 76 14.35 12.25 3.56
N LEU A 77 14.61 11.11 4.19
CA LEU A 77 13.72 10.60 5.24
C LEU A 77 14.56 10.15 6.46
N PRO A 78 15.19 11.13 7.15
CA PRO A 78 16.06 10.73 8.27
C PRO A 78 15.30 10.11 9.46
N GLU A 79 13.96 10.18 9.45
CA GLU A 79 13.12 9.61 10.54
C GLU A 79 13.00 8.08 10.51
N ALA A 80 13.30 7.48 9.37
CA ALA A 80 13.21 6.03 9.19
C ALA A 80 14.41 5.35 9.86
N THR A 81 14.19 4.13 10.32
CA THR A 81 15.26 3.24 10.76
C THR A 81 15.33 2.07 9.82
N TYR A 82 16.36 1.23 9.95
CA TYR A 82 16.66 0.20 8.95
C TYR A 82 16.88 -1.18 9.54
N TRP A 83 16.49 -2.17 8.73
CA TRP A 83 16.90 -3.56 8.89
C TRP A 83 17.70 -3.85 7.62
N ARG A 84 19.03 -3.86 7.77
CA ARG A 84 19.93 -3.94 6.64
C ARG A 84 19.68 -5.25 5.89
N ASP A 85 19.41 -5.16 4.59
CA ASP A 85 19.08 -6.31 3.74
C ASP A 85 17.89 -7.09 4.25
N GLY A 86 16.94 -6.37 4.82
CA GLY A 86 15.86 -6.98 5.53
C GLY A 86 15.02 -7.90 4.64
N TRP A 87 14.73 -7.46 3.42
CA TRP A 87 13.84 -8.25 2.55
C TRP A 87 14.49 -9.59 2.16
N LYS A 88 15.81 -9.60 2.04
CA LYS A 88 16.58 -10.81 1.79
C LYS A 88 16.62 -11.72 3.02
N LYS A 89 16.91 -11.14 4.20
CA LYS A 89 16.97 -11.91 5.44
C LYS A 89 15.63 -12.54 5.80
N ALA A 90 14.53 -11.87 5.43
CA ALA A 90 13.20 -12.40 5.72
C ALA A 90 12.90 -13.68 4.94
N ALA A 91 13.66 -13.95 3.87
CA ALA A 91 13.54 -15.25 3.20
C ALA A 91 13.98 -16.40 4.12
N ASP A 92 14.90 -16.12 5.04
CA ASP A 92 15.52 -17.18 5.84
C ASP A 92 14.93 -17.47 7.20
N ALA A 93 14.19 -16.55 7.79
CA ALA A 93 13.66 -16.79 9.13
C ALA A 93 12.38 -16.03 9.33
N GLN A 94 11.56 -16.49 10.28
CA GLN A 94 10.34 -15.76 10.66
C GLN A 94 10.81 -14.50 11.37
N LEU A 95 9.96 -13.49 11.34
CA LEU A 95 10.25 -12.25 12.02
C LEU A 95 10.27 -12.46 13.53
N GLU A 96 11.35 -12.00 14.16
CA GLU A 96 11.51 -12.08 15.63
C GLU A 96 10.74 -10.98 16.32
N GLU A 97 10.70 -9.82 15.67
CA GLU A 97 10.04 -8.65 16.24
C GLU A 97 8.59 -8.53 15.79
N THR A 98 7.84 -7.74 16.55
CA THR A 98 6.43 -7.53 16.37
C THR A 98 6.18 -6.17 15.70
N TYR A 99 5.44 -6.20 14.61
CA TYR A 99 5.13 -5.01 13.87
C TYR A 99 3.62 -4.87 13.84
N ARG A 100 3.19 -3.62 13.75
CA ARG A 100 1.77 -3.25 13.66
C ARG A 100 1.22 -3.59 12.27
N ALA A 101 2.08 -3.47 11.28
CA ALA A 101 1.77 -3.79 9.89
C ALA A 101 3.04 -3.93 9.09
N ILE A 102 2.92 -4.67 8.00
CA ILE A 102 4.07 -4.98 7.15
C ILE A 102 3.68 -4.83 5.69
N ALA A 103 4.55 -4.20 4.90
CA ALA A 103 4.42 -4.24 3.43
C ALA A 103 5.65 -4.83 2.78
N ILE A 104 5.43 -5.58 1.69
CA ILE A 104 6.54 -6.19 0.94
C ILE A 104 6.31 -6.07 -0.57
N GLY A 105 7.38 -5.73 -1.30
CA GLY A 105 7.40 -5.90 -2.75
C GLY A 105 7.89 -4.75 -3.60
N PRO A 106 7.51 -3.47 -3.27
CA PRO A 106 7.95 -2.37 -4.14
C PRO A 106 9.45 -2.39 -4.35
N GLY A 107 9.85 -2.29 -5.60
CA GLY A 107 11.23 -2.37 -5.99
C GLY A 107 11.93 -3.70 -5.74
N LEU A 108 11.18 -4.78 -5.53
CA LEU A 108 11.78 -6.10 -5.40
C LEU A 108 11.54 -6.93 -6.66
N PRO A 109 12.48 -7.81 -7.02
CA PRO A 109 12.35 -8.64 -8.22
C PRO A 109 11.27 -9.70 -8.02
N GLN A 110 10.74 -10.23 -9.11
CA GLN A 110 9.71 -11.25 -9.06
C GLN A 110 10.36 -12.63 -8.94
N THR A 111 10.97 -12.91 -7.81
CA THR A 111 11.72 -14.14 -7.63
C THR A 111 11.10 -15.06 -6.55
N GLU A 112 11.59 -16.29 -6.54
CA GLU A 112 11.18 -17.27 -5.54
C GLU A 112 11.62 -16.83 -4.14
N SER A 113 12.79 -16.19 -4.04
CA SER A 113 13.32 -15.76 -2.72
C SER A 113 12.38 -14.67 -2.13
N VAL A 114 11.80 -13.84 -2.99
CA VAL A 114 10.79 -12.86 -2.52
C VAL A 114 9.53 -13.57 -1.98
N GLN A 115 9.09 -14.65 -2.65
CA GLN A 115 7.97 -15.47 -2.16
C GLN A 115 8.26 -16.20 -0.85
N GLN A 116 9.51 -16.63 -0.66
CA GLN A 116 9.95 -17.15 0.61
C GLN A 116 9.86 -16.10 1.70
N ALA A 117 10.24 -14.84 1.42
CA ALA A 117 10.10 -13.75 2.40
C ALA A 117 8.60 -13.49 2.70
N VAL A 118 7.78 -13.50 1.64
CA VAL A 118 6.31 -13.40 1.82
C VAL A 118 5.79 -14.48 2.76
N ASP A 119 6.22 -15.73 2.58
CA ASP A 119 5.74 -16.82 3.43
C ASP A 119 6.11 -16.58 4.88
N HIS A 120 7.30 -16.04 5.13
CA HIS A 120 7.72 -15.78 6.50
C HIS A 120 6.97 -14.60 7.10
N VAL A 121 6.75 -13.56 6.32
CA VAL A 121 5.95 -12.38 6.73
C VAL A 121 4.53 -12.77 7.15
N LEU A 122 3.91 -13.65 6.38
CA LEU A 122 2.53 -14.12 6.65
C LEU A 122 2.34 -14.91 7.94
N THR A 123 3.42 -15.43 8.53
CA THR A 123 3.30 -16.06 9.83
C THR A 123 3.23 -15.04 10.99
N ALA A 124 3.50 -13.78 10.74
CA ALA A 124 3.22 -12.72 11.74
C ALA A 124 1.71 -12.53 11.89
N ASP A 125 1.29 -11.99 13.03
CA ASP A 125 -0.12 -11.63 13.25
C ASP A 125 -0.18 -10.13 13.10
N CYS A 126 -0.32 -9.66 11.88
CA CYS A 126 -0.63 -8.26 11.62
C CYS A 126 -1.08 -8.20 10.17
N PRO A 127 -1.74 -7.12 9.77
CA PRO A 127 -2.01 -6.92 8.36
C PRO A 127 -0.71 -6.85 7.51
N VAL A 128 -0.78 -7.45 6.33
CA VAL A 128 0.35 -7.50 5.43
C VAL A 128 -0.07 -7.05 4.04
N ILE A 129 0.70 -6.12 3.46
CA ILE A 129 0.49 -5.68 2.10
C ILE A 129 1.54 -6.34 1.17
N LEU A 130 1.08 -6.88 0.04
CA LEU A 130 1.91 -7.44 -1.00
C LEU A 130 1.70 -6.61 -2.28
N ASP A 131 2.79 -6.08 -2.82
CA ASP A 131 2.76 -5.26 -4.02
C ASP A 131 3.87 -5.64 -4.94
N ALA A 132 3.77 -5.21 -6.20
CA ALA A 132 4.87 -5.27 -7.15
C ALA A 132 5.54 -6.65 -7.20
N GLY A 133 6.83 -6.73 -6.94
CA GLY A 133 7.53 -8.03 -7.03
C GLY A 133 7.01 -9.17 -6.14
N ALA A 134 6.33 -8.81 -5.04
CA ALA A 134 5.70 -9.84 -4.19
C ALA A 134 4.38 -10.37 -4.70
N LEU A 135 3.85 -9.79 -5.78
CA LEU A 135 2.61 -10.32 -6.36
C LEU A 135 2.90 -11.44 -7.34
N ALA A 136 2.26 -12.60 -7.12
CA ALA A 136 2.47 -13.78 -7.99
C ALA A 136 1.20 -14.61 -7.98
N LYS A 137 1.12 -15.57 -8.91
CA LYS A 137 0.05 -16.60 -8.93
C LYS A 137 0.32 -17.58 -7.78
N ARG A 138 -0.52 -17.54 -6.77
CA ARG A 138 -0.28 -18.34 -5.55
C ARG A 138 -1.53 -18.36 -4.69
N THR A 139 -1.48 -19.11 -3.60
CA THR A 139 -2.56 -19.06 -2.59
C THR A 139 -1.95 -18.60 -1.28
N TYR A 140 -2.81 -18.43 -0.26
CA TYR A 140 -2.48 -17.76 1.00
C TYR A 140 -2.95 -18.60 2.20
N PRO A 141 -2.12 -18.66 3.26
CA PRO A 141 -2.51 -19.45 4.42
C PRO A 141 -3.54 -18.73 5.27
N LYS A 142 -4.43 -19.50 5.90
CA LYS A 142 -5.32 -18.95 6.92
C LYS A 142 -4.43 -18.31 8.00
N ARG A 143 -4.72 -17.06 8.34
CA ARG A 143 -3.97 -16.35 9.38
C ARG A 143 -4.92 -15.33 9.96
N GLU A 144 -4.48 -14.60 10.98
CA GLU A 144 -5.35 -13.65 11.67
C GLU A 144 -5.65 -12.35 10.87
N GLY A 145 -4.59 -11.66 10.54
CA GLY A 145 -4.72 -10.35 9.95
C GLY A 145 -4.91 -10.44 8.45
N PRO A 146 -5.49 -9.39 7.89
CA PRO A 146 -5.72 -9.33 6.45
C PRO A 146 -4.44 -9.36 5.62
N VAL A 147 -4.54 -9.95 4.45
CA VAL A 147 -3.55 -9.85 3.40
C VAL A 147 -4.15 -8.96 2.33
N ILE A 148 -3.39 -7.92 1.94
CA ILE A 148 -3.86 -6.88 1.00
C ILE A 148 -2.97 -6.83 -0.23
N LEU A 149 -3.54 -7.22 -1.37
CA LEU A 149 -2.83 -7.26 -2.65
C LEU A 149 -3.16 -5.98 -3.40
N THR A 150 -2.16 -5.34 -4.02
CA THR A 150 -2.39 -4.05 -4.67
C THR A 150 -1.94 -4.09 -6.15
N PRO A 151 -2.54 -4.98 -6.95
CA PRO A 151 -2.16 -5.06 -8.36
C PRO A 151 -2.72 -3.98 -9.27
N HIS A 152 -1.88 -3.51 -10.20
CA HIS A 152 -2.44 -2.92 -11.42
C HIS A 152 -2.91 -4.07 -12.33
N PRO A 153 -3.67 -3.76 -13.39
CA PRO A 153 -4.26 -4.82 -14.22
C PRO A 153 -3.25 -5.83 -14.77
N GLY A 154 -2.04 -5.39 -15.12
CA GLY A 154 -0.98 -6.32 -15.53
C GLY A 154 -0.56 -7.31 -14.47
N GLU A 155 -0.45 -6.85 -13.25
CA GLU A 155 -0.14 -7.72 -12.15
C GLU A 155 -1.32 -8.64 -11.81
N PHE A 156 -2.57 -8.15 -11.95
CA PHE A 156 -3.73 -8.98 -11.74
C PHE A 156 -3.75 -10.13 -12.76
N PHE A 157 -3.40 -9.83 -14.02
CA PHE A 157 -3.20 -10.88 -15.03
C PHE A 157 -2.13 -11.91 -14.63
N ARG A 158 -1.03 -11.44 -14.07
CA ARG A 158 0.01 -12.36 -13.62
C ARG A 158 -0.52 -13.24 -12.47
N MET A 159 -1.35 -12.67 -11.59
CA MET A 159 -1.89 -13.43 -10.42
C MET A 159 -2.99 -14.47 -10.79
N THR A 160 -3.76 -14.18 -11.83
CA THR A 160 -4.99 -14.90 -12.12
C THR A 160 -5.09 -15.50 -13.51
N GLY A 161 -4.30 -14.99 -14.46
CA GLY A 161 -4.46 -15.33 -15.88
C GLY A 161 -5.66 -14.71 -16.60
N VAL A 162 -6.37 -13.77 -15.97
CA VAL A 162 -7.42 -13.02 -16.66
C VAL A 162 -6.73 -11.96 -17.51
N PRO A 163 -6.85 -12.03 -18.84
CA PRO A 163 -6.17 -11.06 -19.69
C PRO A 163 -6.63 -9.64 -19.39
N VAL A 164 -5.74 -8.66 -19.57
CA VAL A 164 -6.02 -7.28 -19.20
C VAL A 164 -7.23 -6.74 -19.95
N ASN A 165 -7.29 -7.02 -21.25
CA ASN A 165 -8.43 -6.55 -22.04
C ASN A 165 -9.80 -7.10 -21.58
N GLU A 166 -9.84 -8.31 -21.04
CA GLU A 166 -11.06 -8.91 -20.47
C GLU A 166 -11.33 -8.35 -19.06
N LEU A 167 -10.26 -8.23 -18.27
CA LEU A 167 -10.37 -7.66 -16.90
C LEU A 167 -11.01 -6.29 -16.91
N GLN A 168 -10.54 -5.43 -17.80
CA GLN A 168 -10.94 -4.02 -17.81
C GLN A 168 -12.40 -3.81 -18.20
N LYS A 169 -13.04 -4.81 -18.81
CA LYS A 169 -14.47 -4.79 -19.09
C LYS A 169 -15.35 -5.05 -17.87
N LYS A 170 -14.83 -5.77 -16.88
CA LYS A 170 -15.60 -6.16 -15.68
C LYS A 170 -14.72 -6.12 -14.43
N ARG A 171 -14.14 -4.95 -14.16
CA ARG A 171 -13.12 -4.82 -13.12
C ARG A 171 -13.60 -5.23 -11.74
N ALA A 172 -14.73 -4.69 -11.32
CA ALA A 172 -15.25 -5.00 -9.99
C ALA A 172 -15.65 -6.49 -9.87
N GLU A 173 -16.23 -7.05 -10.93
CA GLU A 173 -16.65 -8.44 -10.91
C GLU A 173 -15.43 -9.39 -10.75
N TYR A 174 -14.38 -9.16 -11.53
CA TYR A 174 -13.14 -9.98 -11.37
C TYR A 174 -12.46 -9.71 -10.03
N ALA A 175 -12.41 -8.47 -9.61
CA ALA A 175 -11.72 -8.18 -8.36
C ALA A 175 -12.45 -8.86 -7.17
N LYS A 176 -13.79 -8.77 -7.13
CA LYS A 176 -14.57 -9.43 -6.07
C LYS A 176 -14.41 -10.94 -6.08
N GLU A 177 -14.50 -11.52 -7.26
CA GLU A 177 -14.37 -12.97 -7.42
C GLU A 177 -13.04 -13.48 -6.91
N TRP A 178 -11.96 -12.77 -7.23
CA TRP A 178 -10.63 -13.22 -6.82
C TRP A 178 -10.28 -12.88 -5.37
N ALA A 179 -10.83 -11.79 -4.83
CA ALA A 179 -10.68 -11.48 -3.40
C ALA A 179 -11.37 -12.60 -2.60
N ALA A 180 -12.54 -12.99 -3.06
CA ALA A 180 -13.25 -14.13 -2.45
C ALA A 180 -12.43 -15.42 -2.58
N GLN A 181 -11.97 -15.74 -3.77
CA GLN A 181 -11.24 -16.97 -4.01
C GLN A 181 -9.95 -17.08 -3.23
N LEU A 182 -9.17 -16.00 -3.19
CA LEU A 182 -7.90 -15.99 -2.53
C LEU A 182 -8.03 -15.76 -1.03
N GLN A 183 -9.14 -15.16 -0.60
CA GLN A 183 -9.34 -14.66 0.76
C GLN A 183 -8.33 -13.58 1.12
N THR A 184 -8.16 -12.66 0.17
CA THR A 184 -7.31 -11.49 0.32
C THR A 184 -8.11 -10.25 -0.01
N VAL A 185 -7.69 -9.11 0.53
CA VAL A 185 -8.17 -7.83 0.00
C VAL A 185 -7.47 -7.63 -1.35
N ILE A 186 -8.19 -7.11 -2.33
CA ILE A 186 -7.61 -6.74 -3.61
C ILE A 186 -7.95 -5.29 -3.90
N VAL A 187 -6.90 -4.46 -3.97
CA VAL A 187 -6.95 -3.12 -4.48
C VAL A 187 -6.51 -3.17 -5.96
N LEU A 188 -7.51 -3.16 -6.86
CA LEU A 188 -7.28 -3.30 -8.29
C LEU A 188 -7.16 -1.90 -8.86
N LYS A 189 -5.92 -1.54 -9.15
CA LYS A 189 -5.61 -0.16 -9.49
C LYS A 189 -6.09 0.30 -10.87
N GLY A 190 -6.06 1.62 -11.06
CA GLY A 190 -6.49 2.29 -12.27
C GLY A 190 -7.51 3.38 -11.92
N ASN A 191 -7.93 4.11 -12.92
CA ASN A 191 -9.12 4.97 -12.79
C ASN A 191 -10.24 4.15 -12.12
N GLN A 192 -10.92 4.74 -11.15
CA GLN A 192 -11.95 4.03 -10.36
C GLN A 192 -11.37 2.71 -9.79
N THR A 193 -10.36 2.85 -8.95
CA THR A 193 -9.69 1.70 -8.33
C THR A 193 -10.76 0.94 -7.53
N VAL A 194 -10.70 -0.37 -7.59
CA VAL A 194 -11.67 -1.23 -6.90
C VAL A 194 -11.04 -1.72 -5.63
N ILE A 195 -11.74 -1.60 -4.52
CA ILE A 195 -11.27 -2.14 -3.26
C ILE A 195 -12.23 -3.26 -2.85
N ALA A 196 -11.76 -4.50 -3.07
CA ALA A 196 -12.56 -5.72 -2.85
C ALA A 196 -12.07 -6.50 -1.64
N PHE A 197 -12.97 -6.71 -0.69
CA PHE A 197 -12.65 -7.42 0.53
C PHE A 197 -13.11 -8.90 0.45
N PRO A 198 -12.39 -9.79 1.13
CA PRO A 198 -12.71 -11.23 1.03
C PRO A 198 -14.02 -11.66 1.70
N ASP A 199 -14.60 -10.79 2.52
CA ASP A 199 -15.94 -11.00 3.09
C ASP A 199 -17.04 -10.50 2.17
N GLY A 200 -16.67 -10.02 0.97
CA GLY A 200 -17.63 -9.63 -0.05
C GLY A 200 -17.97 -8.15 -0.07
N ASP A 201 -17.55 -7.38 0.94
CA ASP A 201 -17.65 -5.92 0.82
C ASP A 201 -16.82 -5.47 -0.40
N CYS A 202 -17.27 -4.45 -1.09
CA CYS A 202 -16.51 -3.88 -2.23
C CYS A 202 -16.89 -2.42 -2.44
N TRP A 203 -15.88 -1.61 -2.80
CA TRP A 203 -16.08 -0.19 -3.00
C TRP A 203 -15.27 0.24 -4.24
N LEU A 204 -15.69 1.36 -4.81
CA LEU A 204 -14.90 2.06 -5.81
C LEU A 204 -14.34 3.33 -5.20
N ASN A 205 -13.15 3.69 -5.69
CA ASN A 205 -12.53 4.95 -5.28
C ASN A 205 -12.89 6.06 -6.25
N PRO A 206 -13.51 7.17 -5.77
CA PRO A 206 -13.93 8.25 -6.65
C PRO A 206 -12.84 9.30 -6.97
N THR A 207 -11.65 9.22 -6.36
CA THR A 207 -10.65 10.30 -6.50
C THR A 207 -9.48 9.93 -7.40
N GLY A 208 -8.75 10.94 -7.83
CA GLY A 208 -7.58 10.69 -8.65
C GLY A 208 -7.80 11.11 -10.09
N ASN A 209 -6.70 11.17 -10.83
CA ASN A 209 -6.74 11.55 -12.26
C ASN A 209 -5.50 11.11 -12.96
N GLY A 210 -5.38 11.47 -14.22
CA GLY A 210 -4.22 11.05 -15.02
C GLY A 210 -2.85 11.52 -14.56
N ALA A 211 -2.80 12.46 -13.61
CA ALA A 211 -1.50 12.90 -13.02
C ALA A 211 -0.82 11.70 -12.37
N LEU A 212 -1.63 10.74 -11.93
CA LEU A 212 -1.11 9.51 -11.30
C LEU A 212 -0.55 8.48 -12.24
N ALA A 213 -0.82 8.63 -13.55
CA ALA A 213 -0.42 7.66 -14.57
C ALA A 213 1.05 7.86 -14.96
N LYS A 214 1.91 7.56 -13.98
CA LYS A 214 3.36 7.75 -14.08
C LYS A 214 4.05 6.92 -13.02
N GLY A 215 5.23 6.42 -13.36
CA GLY A 215 6.01 5.61 -12.45
C GLY A 215 6.16 6.21 -11.05
N GLY A 216 5.87 5.36 -10.06
CA GLY A 216 6.14 5.59 -8.65
C GLY A 216 4.92 5.91 -7.82
N THR A 217 3.82 6.25 -8.46
CA THR A 217 2.64 6.61 -7.70
C THR A 217 2.05 5.42 -6.91
N GLY A 218 2.20 4.20 -7.44
CA GLY A 218 1.74 3.02 -6.73
C GLY A 218 2.59 2.68 -5.51
N ASP A 219 3.92 2.84 -5.63
CA ASP A 219 4.82 2.69 -4.50
C ASP A 219 4.49 3.67 -3.37
N THR A 220 4.18 4.90 -3.72
CA THR A 220 3.70 5.87 -2.71
C THR A 220 2.43 5.32 -2.02
N LEU A 221 1.48 4.82 -2.81
CA LEU A 221 0.20 4.33 -2.22
C LEU A 221 0.45 3.17 -1.27
N THR A 222 1.37 2.27 -1.63
CA THR A 222 1.66 1.16 -0.76
C THR A 222 2.11 1.64 0.59
N GLY A 223 3.00 2.63 0.56
CA GLY A 223 3.43 3.27 1.80
C GLY A 223 2.31 3.91 2.55
N MET A 224 1.45 4.62 1.85
CA MET A 224 0.32 5.26 2.51
C MET A 224 -0.64 4.26 3.20
N ILE A 225 -0.92 3.16 2.51
CA ILE A 225 -1.71 2.08 3.13
C ILE A 225 -1.03 1.53 4.40
N LEU A 226 0.30 1.25 4.32
CA LEU A 226 1.06 0.78 5.47
C LEU A 226 0.94 1.71 6.70
N GLY A 227 1.16 3.01 6.50
CA GLY A 227 1.02 3.94 7.61
C GLY A 227 -0.42 3.98 8.15
N MET A 228 -1.38 3.97 7.24
CA MET A 228 -2.79 4.08 7.65
C MET A 228 -3.23 2.85 8.41
N LEU A 229 -2.67 1.70 8.10
CA LEU A 229 -3.00 0.47 8.85
C LEU A 229 -2.57 0.61 10.31
N CYS A 230 -1.57 1.44 10.58
CA CYS A 230 -1.04 1.63 11.93
C CYS A 230 -1.87 2.56 12.82
N CYS A 231 -2.58 3.49 12.22
CA CYS A 231 -3.35 4.49 12.99
C CYS A 231 -4.85 4.34 12.90
N HIS A 232 -5.36 3.51 11.99
CA HIS A 232 -6.80 3.20 11.98
C HIS A 232 -7.05 1.93 12.80
N GLU A 233 -8.06 1.94 13.62
CA GLU A 233 -8.46 0.70 14.30
C GLU A 233 -8.93 -0.39 13.33
N ASP A 234 -9.70 0.01 12.30
CA ASP A 234 -10.27 -0.93 11.33
C ASP A 234 -9.42 -0.93 10.05
N PRO A 235 -8.75 -2.06 9.76
CA PRO A 235 -7.86 -2.08 8.62
C PRO A 235 -8.58 -1.85 7.27
N LYS A 236 -9.88 -2.12 7.22
CA LYS A 236 -10.65 -1.82 6.00
C LYS A 236 -10.65 -0.32 5.76
N HIS A 237 -10.85 0.46 6.81
CA HIS A 237 -10.93 1.91 6.70
C HIS A 237 -9.56 2.47 6.32
N ALA A 238 -8.49 1.87 6.84
CA ALA A 238 -7.13 2.24 6.43
C ALA A 238 -6.92 2.14 4.93
N VAL A 239 -7.29 0.99 4.37
CA VAL A 239 -7.09 0.77 2.93
C VAL A 239 -7.92 1.79 2.13
N LEU A 240 -9.21 1.85 2.44
CA LEU A 240 -10.11 2.74 1.73
C LEU A 240 -9.63 4.20 1.82
N ASN A 241 -9.28 4.64 3.03
CA ASN A 241 -8.85 6.04 3.24
C ASN A 241 -7.53 6.34 2.54
N ALA A 242 -6.63 5.36 2.50
CA ALA A 242 -5.37 5.53 1.82
C ALA A 242 -5.57 5.73 0.32
N VAL A 243 -6.40 4.88 -0.30
CA VAL A 243 -6.66 4.96 -1.73
C VAL A 243 -7.37 6.26 -2.04
N TYR A 244 -8.28 6.64 -1.17
CA TYR A 244 -9.02 7.88 -1.39
C TYR A 244 -8.13 9.13 -1.31
N LEU A 245 -7.41 9.25 -0.21
CA LEU A 245 -6.52 10.42 -0.03
C LEU A 245 -5.37 10.51 -1.04
N HIS A 246 -4.81 9.37 -1.44
CA HIS A 246 -3.88 9.31 -2.53
C HIS A 246 -4.42 9.99 -3.80
N GLY A 247 -5.64 9.65 -4.20
CA GLY A 247 -6.25 10.22 -5.40
C GLY A 247 -6.54 11.70 -5.17
N ALA A 248 -6.93 12.04 -3.94
CA ALA A 248 -7.25 13.44 -3.65
C ALA A 248 -6.03 14.35 -3.72
N CYS A 249 -4.83 13.82 -3.45
CA CYS A 249 -3.61 14.60 -3.56
C CYS A 249 -3.32 14.97 -5.02
N ALA A 250 -3.57 14.03 -5.94
CA ALA A 250 -3.46 14.29 -7.36
C ALA A 250 -4.48 15.36 -7.83
N GLU A 251 -5.69 15.34 -7.29
CA GLU A 251 -6.69 16.37 -7.63
C GLU A 251 -6.28 17.73 -7.12
N LEU A 252 -5.72 17.80 -5.92
CA LEU A 252 -5.19 19.08 -5.44
C LEU A 252 -4.08 19.62 -6.37
N TRP A 253 -3.10 18.78 -6.73
CA TRP A 253 -2.08 19.13 -7.68
C TRP A 253 -2.59 19.78 -8.98
N THR A 254 -3.61 19.18 -9.60
CA THR A 254 -4.11 19.64 -10.90
C THR A 254 -4.89 20.95 -10.82
N ASP A 255 -5.20 21.43 -9.62
CA ASP A 255 -5.82 22.79 -9.53
C ASP A 255 -4.92 23.89 -10.15
N GLU A 256 -3.63 23.82 -9.91
CA GLU A 256 -2.68 24.84 -10.35
C GLU A 256 -1.45 24.31 -11.08
N HIS A 257 -1.37 23.00 -11.25
CA HIS A 257 -0.29 22.36 -11.99
C HIS A 257 -0.83 21.40 -13.08
N SER A 258 -0.12 21.29 -14.20
CA SER A 258 -0.56 20.33 -15.24
C SER A 258 -0.46 18.90 -14.80
N ALA A 259 -1.47 18.11 -15.17
CA ALA A 259 -1.50 16.70 -14.87
C ALA A 259 -0.32 15.91 -15.44
N HIS A 260 0.34 16.45 -16.46
CA HIS A 260 1.52 15.81 -17.06
C HIS A 260 2.75 15.82 -16.23
N THR A 261 2.77 16.65 -15.20
CA THR A 261 4.02 17.07 -14.53
C THR A 261 4.21 16.66 -13.07
N LEU A 262 3.28 15.92 -12.48
CA LEU A 262 3.40 15.43 -11.14
C LEU A 262 4.50 14.38 -11.03
N LEU A 263 5.30 14.46 -9.97
CA LEU A 263 6.22 13.34 -9.58
C LEU A 263 5.65 12.74 -8.27
N ALA A 264 5.63 11.41 -8.21
CA ALA A 264 4.97 10.63 -7.14
C ALA A 264 5.31 11.13 -5.75
N HIS A 265 6.59 11.44 -5.49
CA HIS A 265 7.00 11.84 -4.12
C HIS A 265 6.26 13.07 -3.66
N GLU A 266 5.82 13.89 -4.61
CA GLU A 266 5.05 15.08 -4.29
C GLU A 266 3.69 14.77 -3.71
N LEU A 267 3.11 13.59 -4.03
CA LEU A 267 1.91 13.16 -3.34
C LEU A 267 2.06 13.18 -1.81
N SER A 268 3.17 12.65 -1.32
CA SER A 268 3.51 12.68 0.09
C SER A 268 3.70 14.07 0.68
N ASP A 269 4.20 15.02 -0.09
CA ASP A 269 4.33 16.42 0.34
C ASP A 269 2.95 17.10 0.42
N ILE A 270 2.02 16.67 -0.43
CA ILE A 270 0.65 17.26 -0.51
C ILE A 270 -0.30 16.70 0.55
N LEU A 271 -0.07 15.47 0.94
CA LEU A 271 -0.95 14.76 1.88
C LEU A 271 -1.22 15.50 3.19
N PRO A 272 -0.21 16.18 3.80
CA PRO A 272 -0.45 16.89 5.07
C PRO A 272 -1.64 17.87 4.98
N ARG A 273 -1.69 18.64 3.91
CA ARG A 273 -2.74 19.63 3.74
C ARG A 273 -4.03 18.97 3.34
N VAL A 274 -3.95 17.93 2.50
CA VAL A 274 -5.18 17.30 2.00
C VAL A 274 -5.92 16.57 3.12
N TRP A 275 -5.18 15.79 3.92
CA TRP A 275 -5.72 15.09 5.08
C TRP A 275 -6.40 16.08 6.06
N LYS A 276 -5.78 17.22 6.35
CA LYS A 276 -6.34 18.24 7.25
C LYS A 276 -7.77 18.65 6.83
N ARG A 277 -7.96 18.76 5.52
CA ARG A 277 -9.29 19.17 4.95
C ARG A 277 -10.38 18.17 5.30
N PHE A 278 -10.02 16.91 5.54
CA PHE A 278 -11.03 15.87 5.85
C PHE A 278 -11.21 15.61 7.34
N GLU A 279 -10.64 16.48 8.19
CA GLU A 279 -10.71 16.37 9.64
C GLU A 279 -11.80 17.30 10.15
#